data_9K2S
#
_entry.id   9K2S
#
_cell.length_a   84.493
_cell.length_b   44.585
_cell.length_c   88.243
_cell.angle_alpha   90.000
_cell.angle_beta   111.450
_cell.angle_gamma   90.000
#
_symmetry.space_group_name_H-M   'P 1 21 1'
#
loop_
_entity.id
_entity.type
_entity.pdbx_description
1 polymer 'peptide from p51 RT'
2 polymer 'MHC class I antigen'
3 polymer Beta-2-microglobulin
4 polymer KIR2DL2
5 water water
#
loop_
_entity_poly.entity_id
_entity_poly.type
_entity_poly.pdbx_seq_one_letter_code
_entity_poly.pdbx_strand_id
1 'polypeptide(L)' ILKEPVHGVY D
2 'polypeptide(L)'
;CSHSMRYFYTAVSRPGRGEPRFIAVGYVDDTQFVRFDSDAASPRGEPRAPWVEQEGPEYWDRETQKYKRQAQADRVSLRN
LRGYYNQSEAGSHTLQRMYGCDLGPDGRLLRGYDQSAYDGKDYIALNEDLRSWTAADTAAQITQRKWEAAREAEQWRAYL
EGTCVEWLRRYLENGKETLQRAEHPKTHVTHHPVSDHEATLRCWALGFYPAEITLTWQRDGEDQTQDTELVETRPAGDGT
FQKWAAVVVPSGEEQRYTCHVQHEGLPEPLTLRWEP
;
A
3 'polypeptide(L)'
;MSRSVALAVVALLSLSGLEAIQRTPKIQVYSRHPAENGKSNFLNCYVSGFHPSDIEVDLLKNGERIEKVEHSDLSFSKDW
SFYLLYYTEFTPTEKDEYACRVNHVTLSQPKIVKWDRDM
;
B
4 'polypeptide(L)'
;MHEGVHRKPSLLAHPGRLVKSEETVILQCWSDVRFEHFLLHREGKFKDTLHLIGEHHDGVSKANFSIGPMMQDLAGTYRC
YGSVTHSPYQLSAPSDPLDIVITGLYEKPSLSAQPGPTVLAGESVTLSCSSRSSYDMYHLSREGEAHECRFSAGPKVNGT
FQADFPLGPATHGGTYRCFGSFRDSPYEWSNSSDPLLVSVT
;
C
#
# COMPACT_ATOMS: atom_id res chain seq x y z
N ILE A 1 1.56 10.69 -10.95
CA ILE A 1 0.44 9.86 -11.36
C ILE A 1 0.59 8.47 -10.75
N LEU A 2 -0.55 7.83 -10.44
CA LEU A 2 -0.54 6.54 -9.76
C LEU A 2 -0.16 5.41 -10.71
N LYS A 3 0.54 4.40 -10.18
CA LYS A 3 0.77 3.16 -10.91
C LYS A 3 -0.52 2.40 -11.08
N GLU A 4 -0.76 1.94 -12.30
CA GLU A 4 -2.02 1.26 -12.62
C GLU A 4 -2.13 -0.10 -11.94
N PRO A 5 -3.13 -0.31 -11.05
CA PRO A 5 -3.27 -1.61 -10.38
C PRO A 5 -3.66 -2.71 -11.35
N VAL A 6 -2.68 -3.39 -11.96
CA VAL A 6 -3.04 -4.41 -12.99
C VAL A 6 -3.34 -5.81 -12.45
N HIS A 7 -2.30 -6.58 -12.11
CA HIS A 7 -2.43 -7.86 -11.45
C HIS A 7 -1.40 -7.95 -10.35
N GLY A 8 -1.43 -6.98 -9.45
CA GLY A 8 -0.39 -6.86 -8.46
C GLY A 8 -0.77 -7.51 -7.15
N VAL A 9 -1.78 -8.38 -7.19
CA VAL A 9 -2.24 -9.00 -5.95
C VAL A 9 -1.11 -9.88 -5.41
N TYR A 10 -0.84 -9.75 -4.12
CA TYR A 10 0.28 -10.47 -3.51
C TYR A 10 -0.06 -11.93 -3.30
N HIS B 3 15.56 15.36 -7.54
CA HIS B 3 14.12 15.28 -7.36
C HIS B 3 13.59 13.86 -7.46
N SER B 4 12.46 13.61 -6.79
CA SER B 4 11.89 12.29 -6.78
C SER B 4 10.38 12.39 -6.65
N MET B 5 9.69 11.29 -6.95
CA MET B 5 8.26 11.14 -6.70
C MET B 5 8.08 9.78 -6.04
N ARG B 6 7.48 9.76 -4.87
CA ARG B 6 7.29 8.51 -4.16
C ARG B 6 5.83 8.40 -3.73
N TYR B 7 5.31 7.17 -3.76
CA TYR B 7 3.98 6.83 -3.27
C TYR B 7 4.07 5.85 -2.10
N PHE B 8 3.24 6.06 -1.09
CA PHE B 8 3.24 5.22 0.12
C PHE B 8 1.84 4.66 0.34
N TYR B 9 1.69 3.34 0.23
CA TYR B 9 0.44 2.66 0.52
C TYR B 9 0.49 2.08 1.93
N THR B 10 -0.62 2.20 2.67
CA THR B 10 -0.77 1.49 3.94
C THR B 10 -2.17 0.87 3.99
N ALA B 11 -2.22 -0.45 3.93
CA ALA B 11 -3.46 -1.20 4.04
C ALA B 11 -3.44 -1.98 5.34
N VAL B 12 -4.51 -1.84 6.14
CA VAL B 12 -4.58 -2.44 7.47
C VAL B 12 -5.90 -3.16 7.65
N SER B 13 -5.84 -4.47 7.85
CA SER B 13 -7.04 -5.25 8.07
C SER B 13 -7.73 -4.83 9.37
N ARG B 14 -9.06 -4.83 9.33
CA ARG B 14 -9.90 -4.51 10.50
C ARG B 14 -10.78 -5.72 10.78
N PRO B 15 -10.22 -6.84 11.22
CA PRO B 15 -11.00 -8.08 11.28
C PRO B 15 -12.22 -7.91 12.16
N GLY B 16 -13.40 -7.96 11.53
CA GLY B 16 -14.63 -7.74 12.26
C GLY B 16 -14.98 -6.29 12.50
N ARG B 17 -14.20 -5.36 11.94
CA ARG B 17 -14.48 -3.93 12.00
C ARG B 17 -14.58 -3.35 10.60
N GLY B 18 -14.92 -4.17 9.60
CA GLY B 18 -15.09 -3.72 8.22
C GLY B 18 -13.98 -4.17 7.28
N GLU B 19 -14.01 -3.63 6.05
CA GLU B 19 -12.99 -3.92 5.07
C GLU B 19 -11.66 -3.23 5.43
N PRO B 20 -10.53 -3.75 4.94
CA PRO B 20 -9.23 -3.13 5.29
C PRO B 20 -9.16 -1.66 4.91
N ARG B 21 -8.63 -0.86 5.83
CA ARG B 21 -8.41 0.55 5.56
C ARG B 21 -7.20 0.70 4.66
N PHE B 22 -7.38 1.40 3.55
CA PHE B 22 -6.31 1.67 2.63
C PHE B 22 -6.07 3.17 2.61
N ILE B 23 -4.85 3.58 2.92
CA ILE B 23 -4.43 4.97 2.90
C ILE B 23 -3.25 5.08 1.94
N ALA B 24 -3.26 6.10 1.10
CA ALA B 24 -2.18 6.32 0.15
C ALA B 24 -1.80 7.78 0.16
N VAL B 25 -0.51 8.06 0.00
CA VAL B 25 -0.04 9.45 -0.12
C VAL B 25 1.02 9.48 -1.21
N GLY B 26 1.03 10.58 -1.96
CA GLY B 26 2.04 10.84 -2.97
C GLY B 26 2.83 12.07 -2.60
N TYR B 27 4.16 11.97 -2.72
CA TYR B 27 5.11 13.06 -2.46
C TYR B 27 5.88 13.40 -3.73
N VAL B 28 6.31 14.66 -3.84
CA VAL B 28 7.34 15.09 -4.80
C VAL B 28 8.44 15.71 -3.97
N ASP B 29 9.52 14.97 -3.78
CA ASP B 29 10.56 15.34 -2.80
C ASP B 29 9.87 15.34 -1.44
N ASP B 30 9.92 16.43 -0.67
CA ASP B 30 9.33 16.44 0.66
C ASP B 30 7.98 17.17 0.69
N THR B 31 7.33 17.32 -0.46
CA THR B 31 6.06 18.06 -0.57
C THR B 31 4.98 17.06 -0.92
N GLN B 32 4.15 16.68 0.05
CA GLN B 32 3.00 15.86 -0.32
C GLN B 32 2.16 16.57 -1.37
N PHE B 33 1.49 15.79 -2.22
CA PHE B 33 0.56 16.42 -3.15
C PHE B 33 -0.77 15.70 -3.34
N VAL B 34 -0.94 14.47 -2.85
CA VAL B 34 -2.17 13.73 -3.08
C VAL B 34 -2.39 12.81 -1.89
N ARG B 35 -3.66 12.47 -1.62
CA ARG B 35 -4.02 11.56 -0.56
C ARG B 35 -5.26 10.75 -0.95
N PHE B 36 -5.43 9.60 -0.29
CA PHE B 36 -6.60 8.75 -0.49
C PHE B 36 -6.82 7.95 0.78
N ASP B 37 -8.08 7.86 1.20
CA ASP B 37 -8.50 7.13 2.38
C ASP B 37 -9.78 6.40 2.01
N SER B 38 -9.72 5.07 2.04
CA SER B 38 -10.90 4.25 1.74
C SER B 38 -12.01 4.49 2.76
N ASP B 39 -11.66 4.80 4.01
CA ASP B 39 -12.67 5.11 5.02
C ASP B 39 -13.37 6.43 4.73
N SER B 42 -17.05 9.16 1.10
CA SER B 42 -16.95 8.85 -0.35
C SER B 42 -15.46 8.89 -0.74
N PRO B 43 -14.75 7.75 -0.79
CA PRO B 43 -13.30 7.75 -1.02
C PRO B 43 -12.94 8.43 -2.34
N ARG B 44 -12.11 9.46 -2.23
CA ARG B 44 -11.81 10.35 -3.33
C ARG B 44 -10.31 10.57 -3.36
N GLY B 45 -9.72 10.61 -4.55
CA GLY B 45 -8.37 11.12 -4.66
C GLY B 45 -8.38 12.61 -4.44
N GLU B 46 -7.47 13.14 -3.62
CA GLU B 46 -7.58 14.54 -3.24
C GLU B 46 -6.22 15.25 -3.35
N PRO B 47 -6.18 16.43 -3.95
CA PRO B 47 -4.91 17.18 -3.99
C PRO B 47 -4.55 17.76 -2.64
N ARG B 48 -3.25 17.76 -2.34
CA ARG B 48 -2.73 18.34 -1.12
C ARG B 48 -1.70 19.43 -1.41
N ALA B 49 -1.42 19.68 -2.68
CA ALA B 49 -0.57 20.79 -3.07
C ALA B 49 -1.25 21.57 -4.18
N PRO B 50 -1.03 22.88 -4.25
CA PRO B 50 -1.72 23.70 -5.25
C PRO B 50 -1.31 23.43 -6.68
N TRP B 51 -0.11 22.90 -6.92
CA TRP B 51 0.34 22.66 -8.29
C TRP B 51 -0.25 21.39 -8.92
N VAL B 52 -0.87 20.50 -8.13
CA VAL B 52 -1.71 19.45 -8.69
C VAL B 52 -3.19 19.84 -8.69
N GLU B 53 -3.58 20.86 -7.92
CA GLU B 53 -4.95 21.31 -8.03
C GLU B 53 -5.25 21.88 -9.41
N GLN B 54 -4.29 21.82 -10.33
CA GLN B 54 -4.39 22.40 -11.65
C GLN B 54 -4.44 21.35 -12.72
N GLU B 55 -4.49 20.09 -12.32
CA GLU B 55 -4.87 19.01 -13.22
C GLU B 55 -6.38 19.02 -13.37
N GLY B 56 -6.89 18.49 -14.46
CA GLY B 56 -8.33 18.57 -14.67
C GLY B 56 -9.14 17.50 -13.96
N PRO B 57 -10.46 17.57 -14.08
CA PRO B 57 -11.33 16.59 -13.39
C PRO B 57 -11.29 15.20 -13.99
N GLU B 58 -10.65 15.00 -15.14
CA GLU B 58 -10.47 13.67 -15.70
C GLU B 58 -9.20 13.01 -15.20
N TYR B 59 -8.17 13.80 -14.93
CA TYR B 59 -7.02 13.30 -14.18
C TYR B 59 -7.46 12.69 -12.85
N TRP B 60 -8.30 13.41 -12.11
CA TRP B 60 -8.66 13.01 -10.75
C TRP B 60 -9.62 11.83 -10.72
N ASP B 61 -10.62 11.79 -11.63
CA ASP B 61 -11.43 10.58 -11.73
C ASP B 61 -10.57 9.36 -12.01
N ARG B 62 -9.69 9.43 -13.03
CA ARG B 62 -8.76 8.33 -13.26
C ARG B 62 -8.00 7.99 -11.99
N GLU B 63 -7.48 9.00 -11.29
CA GLU B 63 -6.72 8.74 -10.06
C GLU B 63 -7.57 7.99 -9.05
N THR B 64 -8.76 8.53 -8.75
CA THR B 64 -9.65 7.89 -7.79
C THR B 64 -9.89 6.43 -8.16
N GLN B 65 -10.15 6.17 -9.44
CA GLN B 65 -10.46 4.81 -9.87
C GLN B 65 -9.32 3.87 -9.52
N LYS B 66 -8.08 4.23 -9.89
CA LYS B 66 -6.93 3.37 -9.58
C LYS B 66 -6.82 3.14 -8.08
N TYR B 67 -6.97 4.21 -7.28
CA TYR B 67 -6.94 4.12 -5.83
C TYR B 67 -7.93 3.09 -5.28
N LYS B 68 -9.21 3.23 -5.64
CA LYS B 68 -10.21 2.29 -5.16
C LYS B 68 -9.93 0.87 -5.62
N ARG B 69 -9.29 0.71 -6.78
CA ARG B 69 -8.91 -0.62 -7.22
C ARG B 69 -7.69 -1.14 -6.47
N GLN B 70 -6.73 -0.27 -6.13
CA GLN B 70 -5.61 -0.68 -5.28
C GLN B 70 -6.09 -1.11 -3.90
N ALA B 71 -7.11 -0.42 -3.37
CA ALA B 71 -7.73 -0.84 -2.12
C ALA B 71 -8.40 -2.21 -2.25
N GLN B 72 -8.98 -2.52 -3.41
CA GLN B 72 -9.57 -3.85 -3.55
C GLN B 72 -8.52 -4.92 -3.81
N ALA B 73 -7.39 -4.57 -4.43
CA ALA B 73 -6.33 -5.56 -4.59
C ALA B 73 -5.63 -5.83 -3.26
N ASP B 74 -5.31 -4.76 -2.52
CA ASP B 74 -4.77 -4.90 -1.15
C ASP B 74 -5.70 -5.71 -0.25
N ARG B 75 -7.01 -5.54 -0.39
CA ARG B 75 -7.87 -6.34 0.46
C ARG B 75 -7.71 -7.83 0.17
N VAL B 76 -7.50 -8.20 -1.09
CA VAL B 76 -7.27 -9.60 -1.42
C VAL B 76 -5.85 -10.00 -1.03
N SER B 77 -4.90 -9.08 -1.22
CA SER B 77 -3.50 -9.37 -0.89
C SER B 77 -3.35 -9.72 0.59
N LEU B 78 -3.97 -8.92 1.47
CA LEU B 78 -3.91 -9.19 2.91
C LEU B 78 -4.63 -10.49 3.25
N ARG B 79 -5.63 -10.87 2.45
CA ARG B 79 -6.29 -12.14 2.67
C ARG B 79 -5.40 -13.31 2.25
N ASN B 80 -4.59 -13.12 1.20
CA ASN B 80 -3.58 -14.11 0.83
C ASN B 80 -2.43 -14.15 1.82
N LEU B 81 -1.93 -12.98 2.22
CA LEU B 81 -0.76 -12.92 3.09
C LEU B 81 -1.00 -13.67 4.39
N ARG B 82 -2.16 -13.47 5.01
CA ARG B 82 -2.52 -14.22 6.21
C ARG B 82 -2.52 -15.72 5.95
N GLY B 83 -2.98 -16.13 4.76
CA GLY B 83 -2.94 -17.54 4.41
C GLY B 83 -1.53 -18.09 4.30
N TYR B 84 -0.61 -17.30 3.77
CA TYR B 84 0.77 -17.77 3.61
C TYR B 84 1.40 -18.11 4.96
N TYR B 85 1.18 -17.26 5.97
CA TYR B 85 1.78 -17.42 7.28
C TYR B 85 0.91 -18.22 8.24
N ASN B 86 -0.17 -18.84 7.75
CA ASN B 86 -1.14 -19.54 8.59
C ASN B 86 -1.59 -18.65 9.76
N GLN B 87 -1.90 -17.39 9.46
CA GLN B 87 -2.34 -16.51 10.51
C GLN B 87 -3.85 -16.55 10.61
N SER B 88 -4.34 -16.29 11.81
CA SER B 88 -5.76 -16.41 12.09
C SER B 88 -6.53 -15.26 11.47
N GLU B 89 -7.84 -15.34 11.58
CA GLU B 89 -8.77 -14.34 11.08
C GLU B 89 -8.84 -13.11 11.99
N ALA B 90 -8.67 -13.30 13.30
CA ALA B 90 -8.99 -12.25 14.27
C ALA B 90 -7.95 -11.16 14.32
N GLY B 91 -6.76 -11.41 13.81
CA GLY B 91 -5.65 -10.48 14.02
C GLY B 91 -5.51 -9.47 12.88
N SER B 92 -5.26 -8.23 13.26
CA SER B 92 -5.01 -7.16 12.32
C SER B 92 -3.59 -7.24 11.77
N HIS B 93 -3.44 -6.95 10.48
CA HIS B 93 -2.16 -7.09 9.79
C HIS B 93 -1.94 -5.90 8.86
N THR B 94 -0.68 -5.64 8.53
CA THR B 94 -0.36 -4.44 7.78
C THR B 94 0.41 -4.76 6.52
N LEU B 95 0.02 -4.09 5.44
CA LEU B 95 0.67 -4.21 4.13
C LEU B 95 1.06 -2.82 3.67
N GLN B 96 2.35 -2.58 3.51
CA GLN B 96 2.91 -1.32 3.08
C GLN B 96 3.63 -1.53 1.76
N ARG B 97 3.63 -0.48 0.93
CA ARG B 97 4.33 -0.54 -0.37
C ARG B 97 4.84 0.90 -0.57
N MET B 98 6.12 1.08 -0.91
CA MET B 98 6.67 2.35 -1.32
C MET B 98 7.32 2.19 -2.68
N TYR B 99 6.99 3.08 -3.61
CA TYR B 99 7.57 2.99 -4.93
C TYR B 99 7.74 4.38 -5.51
N GLY B 100 8.53 4.47 -6.57
CA GLY B 100 8.61 5.71 -7.28
C GLY B 100 9.94 5.82 -8.01
N CYS B 101 10.21 7.04 -8.46
CA CYS B 101 11.36 7.33 -9.31
C CYS B 101 12.17 8.49 -8.77
N ASP B 102 13.49 8.36 -8.87
CA ASP B 102 14.43 9.46 -8.67
C ASP B 102 14.86 9.99 -10.03
N LEU B 103 15.27 11.26 -10.07
CA LEU B 103 15.85 11.82 -11.27
C LEU B 103 17.22 12.41 -11.00
N GLY B 104 18.05 12.40 -12.05
CA GLY B 104 19.39 12.94 -11.99
C GLY B 104 19.42 14.38 -12.45
N PRO B 105 20.59 15.00 -12.46
CA PRO B 105 20.65 16.41 -12.85
C PRO B 105 20.14 16.64 -14.26
N ASP B 106 19.98 15.58 -15.04
CA ASP B 106 19.46 15.72 -16.40
C ASP B 106 17.94 15.73 -16.43
N GLY B 107 17.28 15.62 -15.26
CA GLY B 107 15.84 15.56 -15.23
C GLY B 107 15.25 14.30 -15.81
N ARG B 108 16.08 13.27 -15.99
CA ARG B 108 15.62 11.97 -16.46
C ARG B 108 15.93 10.92 -15.39
N LEU B 109 15.57 9.68 -15.68
CA LEU B 109 15.55 8.65 -14.64
C LEU B 109 16.94 8.32 -14.12
N LEU B 110 17.07 8.27 -12.79
CA LEU B 110 18.23 7.78 -12.08
C LEU B 110 18.00 6.37 -11.56
N ARG B 111 16.92 6.21 -10.81
CA ARG B 111 16.57 4.87 -10.32
C ARG B 111 15.07 4.77 -10.08
N GLY B 112 14.52 3.58 -10.30
CA GLY B 112 13.16 3.31 -9.88
C GLY B 112 13.18 2.30 -8.76
N TYR B 113 12.11 2.30 -7.95
CA TYR B 113 12.06 1.41 -6.81
C TYR B 113 10.61 1.11 -6.49
N ASP B 114 10.40 -0.02 -5.83
CA ASP B 114 9.10 -0.56 -5.45
C ASP B 114 9.30 -1.65 -4.39
N GLN B 115 9.02 -1.35 -3.12
CA GLN B 115 9.30 -2.25 -2.01
C GLN B 115 8.05 -2.43 -1.17
N SER B 116 7.89 -3.64 -0.64
CA SER B 116 6.72 -3.93 0.17
C SER B 116 7.16 -4.51 1.50
N ALA B 117 6.38 -4.22 2.55
CA ALA B 117 6.57 -4.83 3.86
C ALA B 117 5.24 -5.39 4.35
N TYR B 118 5.32 -6.51 5.06
CA TYR B 118 4.18 -7.13 5.74
C TYR B 118 4.44 -7.04 7.24
N ASP B 119 3.45 -6.51 7.99
CA ASP B 119 3.63 -6.22 9.42
C ASP B 119 5.02 -5.62 9.68
N GLY B 120 5.37 -4.57 8.93
CA GLY B 120 6.61 -3.83 9.16
C GLY B 120 7.90 -4.48 8.69
N LYS B 121 7.82 -5.75 8.28
CA LYS B 121 9.04 -6.50 7.89
C LYS B 121 9.16 -6.58 6.36
N ASP B 122 10.36 -6.33 5.84
CA ASP B 122 10.62 -6.44 4.41
C ASP B 122 10.00 -7.72 3.84
N TYR B 123 9.47 -7.62 2.63
CA TYR B 123 8.69 -8.73 2.09
C TYR B 123 9.10 -9.02 0.65
N ILE B 124 8.83 -8.09 -0.26
CA ILE B 124 9.30 -8.21 -1.64
C ILE B 124 9.75 -6.82 -2.13
N ALA B 125 10.82 -6.80 -2.90
CA ALA B 125 11.32 -5.57 -3.52
C ALA B 125 11.61 -5.85 -4.99
N LEU B 126 11.38 -4.84 -5.82
CA LEU B 126 11.81 -4.90 -7.21
C LEU B 126 13.32 -4.61 -7.32
N ASN B 127 14.05 -5.50 -7.99
CA ASN B 127 15.47 -5.29 -8.13
C ASN B 127 15.70 -4.09 -9.04
N GLU B 128 16.91 -3.50 -8.92
CA GLU B 128 17.22 -2.28 -9.68
C GLU B 128 16.98 -2.50 -11.18
N ASP B 129 17.36 -3.67 -11.70
CA ASP B 129 17.18 -3.85 -13.14
C ASP B 129 15.73 -3.66 -13.56
N LEU B 130 14.81 -3.57 -12.59
CA LEU B 130 13.37 -3.45 -12.82
C LEU B 130 12.85 -4.62 -13.65
N ARG B 131 13.48 -5.78 -13.51
CA ARG B 131 13.05 -6.99 -14.20
C ARG B 131 12.79 -8.16 -13.25
N SER B 132 13.23 -8.09 -12.01
CA SER B 132 13.18 -9.24 -11.12
C SER B 132 12.88 -8.72 -9.72
N TRP B 133 12.55 -9.65 -8.82
CA TRP B 133 12.27 -9.32 -7.44
C TRP B 133 13.26 -10.05 -6.55
N THR B 134 13.38 -9.55 -5.33
CA THR B 134 13.97 -10.33 -4.24
C THR B 134 12.86 -10.63 -3.27
N ALA B 135 12.77 -11.89 -2.85
CA ALA B 135 11.76 -12.35 -1.92
C ALA B 135 12.39 -12.49 -0.54
N ALA B 136 11.82 -11.79 0.45
CA ALA B 136 12.42 -11.77 1.76
C ALA B 136 12.39 -13.13 2.43
N ASP B 137 11.35 -13.92 2.15
CA ASP B 137 11.11 -15.19 2.83
C ASP B 137 10.35 -16.11 1.89
N THR B 138 9.97 -17.29 2.40
CA THR B 138 9.31 -18.29 1.56
C THR B 138 7.88 -17.92 1.22
N ALA B 139 7.21 -17.13 2.07
CA ALA B 139 5.89 -16.63 1.70
C ALA B 139 5.97 -15.67 0.51
N ALA B 140 7.03 -14.83 0.48
CA ALA B 140 7.18 -13.84 -0.58
C ALA B 140 7.62 -14.46 -1.89
N GLN B 141 8.13 -15.70 -1.85
CA GLN B 141 8.40 -16.44 -3.07
C GLN B 141 7.12 -16.87 -3.79
N ILE B 142 6.01 -17.09 -3.07
CA ILE B 142 4.76 -17.36 -3.78
C ILE B 142 4.31 -16.12 -4.53
N THR B 143 4.43 -14.96 -3.88
CA THR B 143 4.10 -13.69 -4.51
C THR B 143 4.98 -13.39 -5.72
N GLN B 144 6.30 -13.57 -5.57
CA GLN B 144 7.20 -13.43 -6.71
C GLN B 144 6.75 -14.30 -7.87
N ARG B 145 6.46 -15.56 -7.58
CA ARG B 145 6.05 -16.51 -8.62
C ARG B 145 4.76 -16.06 -9.30
N LYS B 146 3.81 -15.51 -8.54
CA LYS B 146 2.59 -15.02 -9.16
C LYS B 146 2.84 -13.75 -9.97
N TRP B 147 3.61 -12.81 -9.41
CA TRP B 147 3.94 -11.59 -10.15
C TRP B 147 4.71 -11.89 -11.43
N GLU B 148 5.56 -12.92 -11.42
CA GLU B 148 6.28 -13.27 -12.65
C GLU B 148 5.34 -13.87 -13.71
N ALA B 149 4.45 -14.79 -13.30
CA ALA B 149 3.41 -15.27 -14.20
C ALA B 149 2.49 -14.13 -14.64
N ALA B 150 2.18 -13.20 -13.72
CA ALA B 150 1.45 -11.98 -14.07
C ALA B 150 2.19 -11.07 -15.04
N ARG B 151 3.50 -11.26 -15.20
CA ARG B 151 4.33 -10.36 -16.05
C ARG B 151 4.26 -8.94 -15.45
N GLU B 152 4.32 -8.85 -14.11
CA GLU B 152 4.23 -7.53 -13.50
C GLU B 152 5.49 -6.71 -13.73
N ALA B 153 6.68 -7.32 -13.62
CA ALA B 153 7.95 -6.59 -13.68
C ALA B 153 8.02 -5.58 -14.80
N GLU B 154 7.34 -5.91 -15.90
CA GLU B 154 7.36 -5.03 -17.10
C GLU B 154 6.38 -3.88 -16.83
N GLN B 155 5.14 -4.19 -16.44
CA GLN B 155 4.24 -3.11 -16.08
C GLN B 155 4.97 -2.06 -15.25
N TRP B 156 5.71 -2.49 -14.22
CA TRP B 156 6.41 -1.55 -13.34
C TRP B 156 7.54 -0.85 -14.08
N ARG B 157 8.25 -1.56 -14.95
CA ARG B 157 9.37 -0.93 -15.61
C ARG B 157 8.88 0.11 -16.62
N ALA B 158 7.70 -0.11 -17.19
CA ALA B 158 7.08 0.91 -18.03
C ALA B 158 6.60 2.08 -17.19
N TYR B 159 6.11 1.83 -15.97
CA TYR B 159 5.78 2.94 -15.09
C TYR B 159 7.03 3.71 -14.73
N LEU B 160 7.99 3.03 -14.10
CA LEU B 160 9.08 3.76 -13.46
C LEU B 160 9.94 4.51 -14.46
N GLU B 161 10.11 3.95 -15.65
CA GLU B 161 10.92 4.61 -16.66
C GLU B 161 10.13 5.58 -17.50
N GLY B 162 8.82 5.42 -17.62
CA GLY B 162 8.06 6.32 -18.46
C GLY B 162 7.17 7.29 -17.70
N THR B 163 5.99 6.83 -17.28
CA THR B 163 5.00 7.75 -16.73
C THR B 163 5.42 8.34 -15.38
N CYS B 164 6.25 7.65 -14.61
CA CYS B 164 6.71 8.20 -13.33
C CYS B 164 7.59 9.42 -13.58
N VAL B 165 8.49 9.32 -14.57
CA VAL B 165 9.40 10.40 -14.95
C VAL B 165 8.63 11.54 -15.61
N GLU B 166 7.72 11.21 -16.53
CA GLU B 166 7.01 12.25 -17.27
C GLU B 166 6.16 13.10 -16.35
N TRP B 167 5.56 12.50 -15.33
CA TRP B 167 4.67 13.25 -14.46
C TRP B 167 5.43 13.98 -13.36
N LEU B 168 6.56 13.44 -12.91
CA LEU B 168 7.43 14.19 -12.02
C LEU B 168 7.93 15.47 -12.69
N ARG B 169 8.36 15.38 -13.96
CA ARG B 169 8.86 16.59 -14.64
C ARG B 169 7.74 17.58 -14.89
N ARG B 170 6.51 17.08 -15.01
CA ARG B 170 5.35 17.96 -15.17
C ARG B 170 4.94 18.58 -13.85
N TYR B 171 4.99 17.78 -12.77
CA TYR B 171 4.74 18.31 -11.45
C TYR B 171 5.77 19.40 -11.10
N LEU B 172 7.05 19.13 -11.39
CA LEU B 172 8.13 20.06 -11.06
C LEU B 172 8.07 21.35 -11.86
N GLU B 173 7.58 21.27 -13.09
CA GLU B 173 7.33 22.50 -13.83
C GLU B 173 6.14 23.25 -13.23
N ASN B 174 5.05 22.54 -12.93
CA ASN B 174 3.85 23.13 -12.34
C ASN B 174 4.10 23.74 -10.97
N GLY B 175 5.10 23.24 -10.22
CA GLY B 175 5.43 23.81 -8.94
C GLY B 175 6.83 24.41 -8.86
N LYS B 176 7.36 24.90 -9.99
CA LYS B 176 8.73 25.40 -10.02
C LYS B 176 8.98 26.45 -8.94
N GLU B 177 8.00 27.33 -8.68
CA GLU B 177 8.23 28.39 -7.68
C GLU B 177 8.25 27.87 -6.26
N THR B 178 7.66 26.71 -6.01
CA THR B 178 7.74 26.05 -4.71
C THR B 178 8.71 24.88 -4.66
N LEU B 179 8.72 24.01 -5.67
CA LEU B 179 9.47 22.77 -5.56
C LEU B 179 10.94 22.90 -5.98
N GLN B 180 11.29 23.85 -6.83
CA GLN B 180 12.65 23.96 -7.35
C GLN B 180 13.41 25.10 -6.68
N ARG B 181 12.93 25.48 -5.49
CA ARG B 181 13.50 26.66 -4.81
C ARG B 181 13.75 26.33 -3.34
N ALA B 182 14.97 25.93 -3.01
CA ALA B 182 15.34 25.61 -1.65
C ALA B 182 15.09 26.80 -0.74
N GLU B 183 14.52 26.56 0.43
CA GLU B 183 14.41 27.60 1.46
C GLU B 183 15.44 27.35 2.56
N HIS B 184 16.37 28.29 2.72
CA HIS B 184 17.45 28.16 3.68
C HIS B 184 16.89 28.35 5.09
N PRO B 185 17.57 27.84 6.12
CA PRO B 185 17.00 27.93 7.47
C PRO B 185 17.27 29.25 8.17
N LYS B 186 16.33 29.61 9.05
CA LYS B 186 16.47 30.72 9.98
C LYS B 186 16.99 30.17 11.31
N THR B 187 18.15 30.64 11.73
CA THR B 187 18.87 30.04 12.83
C THR B 187 19.00 31.02 13.99
N HIS B 188 18.93 30.47 15.20
CA HIS B 188 19.36 31.22 16.38
C HIS B 188 19.84 30.23 17.41
N VAL B 189 20.47 30.74 18.46
CA VAL B 189 20.95 29.91 19.55
C VAL B 189 20.32 30.40 20.84
N THR B 190 19.80 29.46 21.61
CA THR B 190 19.30 29.72 22.95
C THR B 190 20.27 29.14 23.98
N HIS B 191 20.02 29.51 25.24
CA HIS B 191 20.94 29.24 26.33
C HIS B 191 20.11 28.99 27.58
N HIS B 192 20.47 27.95 28.33
CA HIS B 192 19.79 27.60 29.58
C HIS B 192 20.82 27.15 30.61
N PRO B 193 20.65 27.50 31.88
CA PRO B 193 21.59 27.02 32.88
C PRO B 193 21.29 25.57 33.20
N VAL B 194 22.33 24.80 33.40
CA VAL B 194 22.20 23.40 33.74
C VAL B 194 22.96 23.17 35.03
N SER B 195 22.24 22.86 36.11
CA SER B 195 22.82 22.68 37.45
C SER B 195 23.75 23.84 37.78
N ASP B 196 24.76 23.62 38.62
CA ASP B 196 25.57 24.71 39.11
C ASP B 196 26.73 25.09 38.21
N HIS B 197 27.29 24.16 37.44
CA HIS B 197 28.49 24.46 36.66
C HIS B 197 28.32 24.28 35.15
N GLU B 198 27.10 24.08 34.66
CA GLU B 198 26.93 23.77 33.24
C GLU B 198 25.83 24.61 32.61
N ALA B 199 25.69 24.46 31.30
CA ALA B 199 24.75 25.28 30.53
C ALA B 199 24.47 24.59 29.20
N THR B 200 23.22 24.69 28.74
CA THR B 200 22.79 24.15 27.47
C THR B 200 22.88 25.21 26.39
N LEU B 201 23.51 24.86 25.27
CA LEU B 201 23.45 25.64 24.04
C LEU B 201 22.60 24.89 23.02
N ARG B 202 21.56 25.55 22.51
CA ARG B 202 20.65 24.94 21.56
C ARG B 202 20.67 25.69 20.24
N CYS B 203 21.10 25.00 19.16
CA CYS B 203 21.17 25.57 17.82
C CYS B 203 19.91 25.22 17.04
N TRP B 204 19.23 26.26 16.55
CA TRP B 204 17.90 26.15 15.96
C TRP B 204 17.96 26.34 14.45
N ALA B 205 17.30 25.45 13.71
CA ALA B 205 17.11 25.64 12.27
C ALA B 205 15.61 25.56 12.01
N LEU B 206 15.04 26.64 11.48
CA LEU B 206 13.61 26.73 11.22
C LEU B 206 13.34 27.20 9.79
N GLY B 207 12.12 26.93 9.33
CA GLY B 207 11.68 27.43 8.05
C GLY B 207 12.49 26.97 6.85
N PHE B 208 13.04 25.75 6.88
CA PHE B 208 13.86 25.29 5.78
C PHE B 208 13.16 24.17 5.02
N TYR B 209 13.40 24.13 3.71
CA TYR B 209 12.93 23.18 2.72
C TYR B 209 14.02 23.09 1.68
N PRO B 210 14.38 21.88 1.23
CA PRO B 210 13.84 20.58 1.67
C PRO B 210 14.34 20.20 3.03
N ALA B 211 14.00 19.00 3.52
CA ALA B 211 14.23 18.64 4.91
C ALA B 211 15.66 18.22 5.23
N GLU B 212 16.49 17.97 4.23
CA GLU B 212 17.86 17.54 4.46
C GLU B 212 18.69 18.67 5.07
N ILE B 213 19.20 18.48 6.29
CA ILE B 213 19.92 19.48 7.07
C ILE B 213 21.03 18.78 7.87
N THR B 214 22.11 19.52 8.14
CA THR B 214 23.16 19.07 9.05
C THR B 214 23.51 20.21 9.99
N LEU B 215 23.23 20.01 11.29
CA LEU B 215 23.61 20.91 12.37
C LEU B 215 24.77 20.24 13.11
N THR B 216 25.82 21.01 13.41
CA THR B 216 27.02 20.47 14.06
C THR B 216 27.55 21.45 15.09
N TRP B 217 27.94 20.96 16.26
CA TRP B 217 28.53 21.78 17.32
C TRP B 217 30.05 21.67 17.26
N GLN B 218 30.74 22.80 17.34
CA GLN B 218 32.19 22.84 17.24
C GLN B 218 32.77 23.53 18.49
N ARG B 219 33.69 22.84 19.16
CA ARG B 219 34.42 23.39 20.30
C ARG B 219 35.82 23.72 19.80
N ASP B 220 36.14 25.01 19.74
CA ASP B 220 37.41 25.49 19.18
C ASP B 220 37.57 25.01 17.72
N GLY B 221 36.46 24.70 17.07
CA GLY B 221 36.48 24.11 15.74
C GLY B 221 36.66 22.61 15.71
N GLU B 222 36.33 21.91 16.79
CA GLU B 222 36.38 20.46 16.84
C GLU B 222 34.96 19.93 16.91
N ASP B 223 34.70 18.87 16.14
CA ASP B 223 33.34 18.34 16.06
C ASP B 223 32.97 17.63 17.36
N GLN B 224 31.84 18.03 17.93
CA GLN B 224 31.33 17.42 19.15
C GLN B 224 30.22 16.42 18.81
N THR B 225 30.58 15.44 17.99
CA THR B 225 29.63 14.42 17.54
C THR B 225 29.08 13.64 18.72
N GLN B 226 29.95 13.19 19.61
CA GLN B 226 29.53 12.73 20.92
C GLN B 226 29.20 13.95 21.78
N ASP B 227 28.31 13.74 22.76
CA ASP B 227 27.82 14.80 23.65
C ASP B 227 27.05 15.90 22.92
N THR B 228 26.45 15.58 21.77
CA THR B 228 25.48 16.46 21.11
C THR B 228 24.11 15.77 21.07
N GLU B 229 23.06 16.52 21.45
CA GLU B 229 21.68 16.04 21.47
C GLU B 229 20.98 16.53 20.21
N LEU B 230 20.69 15.61 19.30
CA LEU B 230 20.20 15.93 17.97
C LEU B 230 18.75 15.47 17.88
N VAL B 231 17.84 16.39 17.65
CA VAL B 231 16.45 15.99 17.61
C VAL B 231 16.08 15.65 16.17
N GLU B 232 15.11 14.76 16.02
CA GLU B 232 14.66 14.38 14.70
C GLU B 232 14.12 15.59 13.96
N THR B 233 14.48 15.71 12.69
CA THR B 233 13.89 16.74 11.84
C THR B 233 12.38 16.56 11.83
N ARG B 234 11.65 17.65 12.05
CA ARG B 234 10.23 17.60 12.30
C ARG B 234 9.49 18.56 11.37
N PRO B 235 8.27 18.19 10.94
CA PRO B 235 7.51 19.10 10.09
C PRO B 235 6.97 20.25 10.91
N ALA B 236 7.02 21.46 10.33
CA ALA B 236 6.44 22.62 11.01
C ALA B 236 4.94 22.73 10.75
N GLY B 237 4.46 22.31 9.58
CA GLY B 237 3.06 22.37 9.23
C GLY B 237 2.78 23.26 8.04
N ASP B 238 3.65 24.25 7.81
CA ASP B 238 3.54 25.18 6.69
C ASP B 238 4.34 24.72 5.47
N GLY B 239 4.78 23.46 5.40
CA GLY B 239 5.60 23.00 4.31
C GLY B 239 7.10 23.03 4.54
N THR B 240 7.55 23.62 5.65
CA THR B 240 8.94 23.74 6.06
C THR B 240 9.22 22.89 7.29
N PHE B 241 10.50 22.79 7.61
CA PHE B 241 10.99 21.81 8.57
C PHE B 241 11.76 22.49 9.69
N GLN B 242 11.88 21.77 10.80
CA GLN B 242 12.56 22.26 11.98
C GLN B 242 13.54 21.20 12.49
N LYS B 243 14.68 21.66 13.00
CA LYS B 243 15.63 20.78 13.69
C LYS B 243 16.47 21.62 14.66
N TRP B 244 16.70 21.12 15.87
CA TRP B 244 17.64 21.72 16.81
C TRP B 244 18.69 20.71 17.27
N ALA B 245 19.83 21.23 17.70
CA ALA B 245 20.97 20.44 18.18
C ALA B 245 21.53 21.09 19.43
N ALA B 246 21.37 20.44 20.58
CA ALA B 246 21.84 20.97 21.85
C ALA B 246 23.19 20.37 22.25
N VAL B 247 23.92 21.12 23.06
CA VAL B 247 25.15 20.63 23.69
C VAL B 247 25.25 21.26 25.08
N VAL B 248 25.79 20.47 26.02
CA VAL B 248 25.95 20.85 27.41
C VAL B 248 27.42 21.21 27.62
N VAL B 249 27.66 22.46 27.96
CA VAL B 249 29.01 23.04 27.99
C VAL B 249 29.27 23.47 29.44
N PRO B 250 30.51 23.67 29.86
CA PRO B 250 30.73 24.20 31.22
C PRO B 250 30.38 25.69 31.26
N SER B 251 29.81 26.12 32.38
CA SER B 251 29.57 27.54 32.60
C SER B 251 30.86 28.33 32.38
N GLY B 252 30.79 29.35 31.53
CA GLY B 252 31.93 30.21 31.28
C GLY B 252 32.82 29.76 30.14
N GLU B 253 32.53 28.62 29.52
CA GLU B 253 33.24 28.19 28.33
C GLU B 253 32.34 28.27 27.11
N GLU B 254 31.23 29.00 27.21
CA GLU B 254 30.25 29.10 26.14
C GLU B 254 30.81 29.72 24.87
N GLN B 255 31.83 30.60 25.00
CA GLN B 255 32.32 31.37 23.87
C GLN B 255 33.17 30.53 22.91
N ARG B 256 33.59 29.33 23.32
CA ARG B 256 34.39 28.41 22.50
C ARG B 256 33.54 27.58 21.55
N TYR B 257 32.22 27.59 21.70
CA TYR B 257 31.34 26.71 20.97
C TYR B 257 30.67 27.48 19.82
N THR B 258 30.76 26.92 18.62
CA THR B 258 30.10 27.45 17.43
C THR B 258 29.17 26.39 16.87
N CYS B 259 27.99 26.81 16.44
CA CYS B 259 27.07 25.94 15.74
C CYS B 259 27.20 26.18 14.24
N HIS B 260 27.21 25.09 13.47
CA HIS B 260 27.43 25.11 12.03
C HIS B 260 26.25 24.47 11.33
N VAL B 261 25.68 25.17 10.36
CA VAL B 261 24.45 24.76 9.71
C VAL B 261 24.73 24.55 8.24
N GLN B 262 24.50 23.32 7.80
CA GLN B 262 24.69 22.94 6.38
C GLN B 262 23.34 22.56 5.77
N HIS B 263 22.97 23.20 4.68
CA HIS B 263 21.73 23.03 3.97
C HIS B 263 22.00 23.45 2.54
N GLU B 264 21.48 22.67 1.60
CA GLU B 264 21.70 22.92 0.17
C GLU B 264 21.17 24.28 -0.28
N GLY B 265 20.24 24.89 0.46
CA GLY B 265 19.72 26.20 0.13
C GLY B 265 20.54 27.36 0.65
N LEU B 266 21.85 27.15 0.85
CA LEU B 266 22.77 28.11 1.51
C LEU B 266 24.06 28.22 0.70
N PRO B 267 24.48 29.41 0.24
CA PRO B 267 25.74 29.52 -0.52
C PRO B 267 26.99 29.51 0.33
N GLU B 268 26.86 29.62 1.64
CA GLU B 268 27.92 29.46 2.61
C GLU B 268 27.26 28.80 3.81
N PRO B 269 27.97 27.92 4.51
CA PRO B 269 27.40 27.38 5.75
C PRO B 269 27.22 28.52 6.76
N LEU B 270 26.22 28.34 7.61
CA LEU B 270 25.95 29.26 8.71
C LEU B 270 26.74 28.84 9.95
N THR B 271 27.47 29.78 10.52
CA THR B 271 28.11 29.58 11.82
C THR B 271 27.42 30.49 12.83
N LEU B 272 27.02 29.93 13.97
CA LEU B 272 26.33 30.69 15.01
C LEU B 272 27.12 30.63 16.32
N ARG B 273 26.93 31.65 17.17
CA ARG B 273 27.56 31.71 18.50
C ARG B 273 26.68 32.46 19.47
N TRP B 274 26.26 31.81 20.55
CA TRP B 274 25.60 32.52 21.63
C TRP B 274 26.59 33.46 22.30
N GLU B 275 26.28 34.74 22.28
CA GLU B 275 27.06 35.64 23.08
C GLU B 275 26.18 36.16 24.22
N PRO B 276 26.75 36.35 25.42
CA PRO B 276 26.04 36.93 26.56
C PRO B 276 25.83 38.43 26.44
N ILE C 21 6.72 -7.18 14.43
CA ILE C 21 7.47 -5.97 14.76
C ILE C 21 6.60 -4.91 15.44
N GLN C 22 7.03 -4.46 16.61
CA GLN C 22 6.34 -3.40 17.34
C GLN C 22 7.35 -2.35 17.79
N ARG C 23 7.04 -1.09 17.50
CA ARG C 23 7.94 0.05 17.66
C ARG C 23 7.23 1.14 18.45
N THR C 24 7.82 1.59 19.55
CA THR C 24 7.20 2.65 20.35
C THR C 24 7.38 4.00 19.65
N PRO C 25 6.36 4.86 19.66
CA PRO C 25 6.49 6.14 18.97
C PRO C 25 7.48 7.07 19.65
N LYS C 26 8.14 7.90 18.84
CA LYS C 26 8.84 9.09 19.31
C LYS C 26 7.88 10.27 19.26
N ILE C 27 7.89 11.08 20.32
CA ILE C 27 6.93 12.18 20.52
C ILE C 27 7.69 13.49 20.64
N GLN C 28 7.32 14.48 19.80
CA GLN C 28 7.86 15.84 19.92
C GLN C 28 6.69 16.81 19.92
N VAL C 29 6.60 17.65 20.95
CA VAL C 29 5.59 18.69 21.07
C VAL C 29 6.28 20.02 20.78
N TYR C 30 5.64 20.85 19.98
CA TYR C 30 6.27 22.13 19.59
C TYR C 30 5.28 23.01 18.86
N SER C 31 5.69 24.24 18.62
CA SER C 31 4.88 25.21 17.88
C SER C 31 5.40 25.34 16.45
N ARG C 32 4.49 25.77 15.55
CA ARG C 32 4.88 26.04 14.16
C ARG C 32 5.88 27.19 14.09
N HIS C 33 5.71 28.21 14.92
CA HIS C 33 6.57 29.38 14.97
C HIS C 33 7.02 29.59 16.41
N PRO C 34 8.09 30.36 16.63
CA PRO C 34 8.50 30.64 18.02
C PRO C 34 7.32 31.21 18.79
N ALA C 35 7.08 30.64 19.96
CA ALA C 35 5.98 31.08 20.81
C ALA C 35 6.11 32.57 21.12
N GLU C 36 5.01 33.29 20.93
CA GLU C 36 4.92 34.70 21.26
C GLU C 36 3.55 34.88 21.90
N ASN C 37 3.56 35.12 23.21
CA ASN C 37 2.29 35.26 23.98
C ASN C 37 1.37 36.26 23.29
N GLY C 38 0.13 35.86 23.03
CA GLY C 38 -0.84 36.74 22.43
C GLY C 38 -0.91 36.69 20.92
N LYS C 39 -0.04 35.91 20.26
CA LYS C 39 -0.02 35.86 18.80
C LYS C 39 -0.48 34.49 18.32
N SER C 40 -1.26 34.47 17.24
CA SER C 40 -1.71 33.22 16.68
C SER C 40 -0.52 32.37 16.27
N ASN C 41 -0.72 31.06 16.33
CA ASN C 41 0.32 30.04 16.13
C ASN C 41 -0.39 28.71 15.91
N PHE C 42 0.38 27.65 15.81
CA PHE C 42 -0.15 26.29 15.72
C PHE C 42 0.65 25.45 16.68
N LEU C 43 -0.02 24.62 17.47
CA LEU C 43 0.65 23.70 18.38
C LEU C 43 0.68 22.32 17.74
N ASN C 44 1.88 21.74 17.61
CA ASN C 44 2.10 20.49 16.89
C ASN C 44 2.51 19.37 17.83
N CYS C 45 2.03 18.15 17.55
CA CYS C 45 2.58 16.94 18.12
C CYS C 45 2.98 15.99 17.01
N TYR C 46 4.29 15.80 16.83
CA TYR C 46 4.83 14.91 15.82
C TYR C 46 5.11 13.56 16.46
N VAL C 47 4.40 12.52 16.03
CA VAL C 47 4.66 11.16 16.47
C VAL C 47 5.21 10.38 15.29
N SER C 48 6.32 9.68 15.52
CA SER C 48 7.02 8.98 14.45
C SER C 48 7.68 7.71 15.00
N GLY C 49 8.28 6.94 14.12
CA GLY C 49 9.00 5.75 14.51
C GLY C 49 8.17 4.62 15.09
N PHE C 50 6.84 4.66 14.96
CA PHE C 50 5.99 3.67 15.62
C PHE C 50 5.42 2.66 14.64
N HIS C 51 5.16 1.44 15.15
CA HIS C 51 4.51 0.38 14.38
C HIS C 51 3.84 -0.52 15.41
N PRO C 52 2.56 -0.93 15.23
CA PRO C 52 1.66 -0.64 14.10
C PRO C 52 1.07 0.77 14.07
N SER C 53 0.29 1.06 13.02
CA SER C 53 -0.18 2.40 12.70
C SER C 53 -1.30 2.91 13.61
N ASP C 54 -1.99 2.04 14.33
CA ASP C 54 -3.01 2.46 15.27
C ASP C 54 -2.37 3.24 16.41
N ILE C 55 -2.72 4.52 16.54
CA ILE C 55 -2.18 5.43 17.55
C ILE C 55 -3.27 6.43 17.95
N GLU C 56 -3.36 6.75 19.24
CA GLU C 56 -4.29 7.78 19.72
C GLU C 56 -3.46 8.97 20.17
N VAL C 57 -3.67 10.12 19.54
CA VAL C 57 -2.93 11.32 19.90
C VAL C 57 -3.91 12.45 20.22
N ASP C 58 -3.82 12.98 21.45
CA ASP C 58 -4.59 14.14 21.86
C ASP C 58 -3.66 15.31 22.17
N LEU C 59 -4.14 16.53 21.94
CA LEU C 59 -3.45 17.74 22.37
C LEU C 59 -4.24 18.35 23.52
N LEU C 60 -3.54 18.74 24.57
CA LEU C 60 -4.13 19.05 25.87
C LEU C 60 -3.81 20.50 26.23
N LYS C 61 -4.80 21.25 26.68
CA LYS C 61 -4.62 22.60 27.20
C LYS C 61 -4.97 22.58 28.68
N ASN C 62 -3.96 22.79 29.53
CA ASN C 62 -4.08 22.65 30.98
C ASN C 62 -4.73 21.33 31.37
N GLY C 63 -4.32 20.26 30.70
CA GLY C 63 -4.87 18.95 31.04
C GLY C 63 -6.15 18.56 30.31
N GLU C 64 -6.74 19.44 29.50
CA GLU C 64 -8.03 19.18 28.89
C GLU C 64 -7.85 18.93 27.39
N ARG C 65 -8.49 17.89 26.87
CA ARG C 65 -8.40 17.60 25.44
C ARG C 65 -8.87 18.80 24.63
N ILE C 66 -8.04 19.23 23.68
CA ILE C 66 -8.50 20.19 22.68
C ILE C 66 -9.38 19.46 21.68
N GLU C 67 -10.53 20.05 21.37
CA GLU C 67 -11.55 19.28 20.65
C GLU C 67 -11.36 19.37 19.14
N LYS C 68 -10.93 20.50 18.61
CA LYS C 68 -10.73 20.60 17.16
C LYS C 68 -9.23 20.44 16.92
N VAL C 69 -8.82 19.22 16.60
CA VAL C 69 -7.45 18.88 16.29
C VAL C 69 -7.41 18.12 14.97
N GLU C 70 -6.55 18.56 14.07
CA GLU C 70 -6.39 17.89 12.79
C GLU C 70 -5.07 17.14 12.77
N HIS C 71 -4.88 16.33 11.74
CA HIS C 71 -3.63 15.61 11.59
C HIS C 71 -3.38 15.32 10.12
N SER C 72 -2.11 15.07 9.80
CA SER C 72 -1.71 14.77 8.44
C SER C 72 -2.08 13.34 8.08
N ASP C 73 -2.01 13.04 6.79
CA ASP C 73 -2.33 11.72 6.31
C ASP C 73 -1.19 10.76 6.64
N LEU C 74 -1.56 9.51 6.90
CA LEU C 74 -0.58 8.52 7.32
C LEU C 74 0.51 8.35 6.27
N SER C 75 1.76 8.49 6.71
CA SER C 75 2.92 8.16 5.90
C SER C 75 3.90 7.39 6.77
N PHE C 76 4.98 6.91 6.16
CA PHE C 76 5.97 6.14 6.90
C PHE C 76 7.34 6.42 6.35
N SER C 77 8.37 6.11 7.15
CA SER C 77 9.76 6.35 6.79
C SER C 77 10.31 5.14 6.04
N LYS C 78 11.62 5.15 5.80
CA LYS C 78 12.31 4.07 5.09
C LYS C 78 12.34 2.79 5.91
N ASP C 79 12.39 2.87 7.24
CA ASP C 79 12.44 1.65 8.04
C ASP C 79 11.06 1.01 8.23
N TRP C 80 10.05 1.52 7.51
CA TRP C 80 8.64 1.14 7.51
C TRP C 80 7.85 1.70 8.69
N SER C 81 8.51 2.43 9.59
CA SER C 81 7.80 3.03 10.71
C SER C 81 7.05 4.29 10.27
N PHE C 82 5.90 4.50 10.89
CA PHE C 82 4.94 5.55 10.57
C PHE C 82 5.27 6.88 11.26
N TYR C 83 4.64 7.94 10.75
CA TYR C 83 4.72 9.25 11.37
C TYR C 83 3.47 10.03 11.05
N LEU C 84 3.06 10.86 11.99
CA LEU C 84 1.83 11.63 11.89
C LEU C 84 2.10 12.96 12.58
N LEU C 85 1.52 14.03 12.04
CA LEU C 85 1.61 15.33 12.69
C LEU C 85 0.20 15.70 13.11
N TYR C 86 -0.03 15.82 14.41
CA TYR C 86 -1.26 16.45 14.86
C TYR C 86 -0.97 17.92 15.14
N TYR C 87 -1.98 18.77 14.92
CA TYR C 87 -1.79 20.20 15.06
C TYR C 87 -3.14 20.88 15.23
N THR C 88 -3.11 22.04 15.90
CA THR C 88 -4.29 22.84 16.19
C THR C 88 -3.85 24.29 16.27
N GLU C 89 -4.74 25.20 15.86
CA GLU C 89 -4.47 26.61 16.03
C GLU C 89 -4.60 27.03 17.50
N PHE C 90 -3.74 27.94 17.96
CA PHE C 90 -3.71 28.30 19.37
C PHE C 90 -2.92 29.59 19.56
N THR C 91 -3.25 30.31 20.63
CA THR C 91 -2.57 31.55 21.01
C THR C 91 -1.86 31.30 22.33
N PRO C 92 -0.55 31.10 22.33
CA PRO C 92 0.15 30.85 23.59
C PRO C 92 -0.04 32.01 24.56
N THR C 93 -0.13 31.67 25.84
CA THR C 93 -0.14 32.66 26.90
C THR C 93 0.92 32.29 27.92
N GLU C 94 1.14 33.17 28.88
CA GLU C 94 1.98 32.75 30.00
C GLU C 94 1.19 31.91 30.97
N LYS C 95 -0.13 32.02 30.98
CA LYS C 95 -0.95 31.35 31.98
C LYS C 95 -1.38 29.94 31.57
N ASP C 96 -1.12 29.51 30.35
CA ASP C 96 -1.64 28.25 29.86
C ASP C 96 -0.51 27.26 29.61
N GLU C 97 -0.75 26.00 29.98
CA GLU C 97 0.18 24.91 29.75
C GLU C 97 -0.40 23.98 28.69
N TYR C 98 0.47 23.47 27.84
CA TYR C 98 0.04 22.57 26.77
C TYR C 98 0.82 21.26 26.85
N ALA C 99 0.22 20.20 26.32
CA ALA C 99 0.88 18.89 26.30
C ALA C 99 0.40 18.10 25.08
N CYS C 100 0.93 16.89 24.94
CA CYS C 100 0.46 15.93 23.95
C CYS C 100 0.31 14.57 24.61
N ARG C 101 -0.86 13.95 24.48
CA ARG C 101 -1.13 12.62 25.03
C ARG C 101 -1.12 11.60 23.90
N VAL C 102 -0.17 10.67 23.94
CA VAL C 102 -0.03 9.61 22.95
C VAL C 102 -0.39 8.28 23.61
N ASN C 103 -1.19 7.47 22.91
CA ASN C 103 -1.51 6.12 23.35
C ASN C 103 -1.23 5.16 22.20
N HIS C 104 -0.62 4.02 22.53
CA HIS C 104 -0.14 3.07 21.53
C HIS C 104 0.09 1.74 22.22
N VAL C 105 0.00 0.65 21.44
CA VAL C 105 0.05 -0.70 21.98
C VAL C 105 1.35 -0.98 22.73
N THR C 106 2.43 -0.28 22.37
CA THR C 106 3.69 -0.42 23.07
C THR C 106 3.73 0.36 24.38
N LEU C 107 2.70 1.15 24.67
CA LEU C 107 2.66 1.97 25.88
C LEU C 107 1.87 1.27 26.97
N SER C 108 2.46 1.24 28.18
CA SER C 108 1.76 0.68 29.33
C SER C 108 0.56 1.54 29.69
N GLN C 109 0.79 2.84 29.79
CA GLN C 109 -0.17 3.90 30.02
C GLN C 109 0.00 4.95 28.92
N PRO C 110 -0.99 5.81 28.69
CA PRO C 110 -0.79 6.94 27.78
C PRO C 110 0.40 7.80 28.21
N LYS C 111 1.20 8.22 27.22
CA LYS C 111 2.37 9.05 27.47
C LYS C 111 2.04 10.52 27.23
N ILE C 112 2.33 11.36 28.21
CA ILE C 112 2.13 12.80 28.12
C ILE C 112 3.51 13.43 27.99
N VAL C 113 3.69 14.22 26.94
CA VAL C 113 4.87 15.06 26.78
C VAL C 113 4.40 16.50 26.81
N LYS C 114 5.01 17.30 27.70
CA LYS C 114 4.61 18.69 27.85
C LYS C 114 5.34 19.54 26.81
N TRP C 115 4.64 20.58 26.33
CA TRP C 115 5.23 21.54 25.41
C TRP C 115 6.24 22.42 26.14
N ASP C 116 7.49 22.31 25.74
CA ASP C 116 8.55 23.23 26.15
C ASP C 116 8.73 24.21 25.01
N ARG C 117 8.56 25.50 25.28
CA ARG C 117 8.65 26.55 24.23
C ARG C 117 10.07 26.72 23.70
N ASP C 118 11.06 26.01 24.25
CA ASP C 118 12.40 26.02 23.69
C ASP C 118 12.87 24.61 23.32
N MET C 119 11.96 23.69 23.03
CA MET C 119 12.36 22.36 22.53
C MET C 119 11.54 21.90 21.31
N LYS D 8 -33.69 -30.37 -3.83
CA LYS D 8 -32.73 -29.28 -3.85
C LYS D 8 -32.80 -28.47 -5.15
N PRO D 9 -32.50 -27.18 -5.07
CA PRO D 9 -32.59 -26.36 -6.29
C PRO D 9 -31.41 -26.65 -7.22
N SER D 10 -31.41 -26.05 -8.40
CA SER D 10 -30.34 -26.21 -9.35
C SER D 10 -29.62 -24.89 -9.56
N LEU D 11 -28.30 -24.96 -9.64
CA LEU D 11 -27.45 -23.78 -9.84
C LEU D 11 -26.63 -24.00 -11.10
N LEU D 12 -26.78 -23.09 -12.05
CA LEU D 12 -26.11 -23.24 -13.34
C LEU D 12 -25.47 -21.92 -13.71
N ALA D 13 -24.24 -21.98 -14.23
CA ALA D 13 -23.59 -20.78 -14.70
C ALA D 13 -23.84 -20.59 -16.19
N HIS D 14 -24.10 -19.35 -16.60
CA HIS D 14 -24.35 -19.03 -17.99
C HIS D 14 -23.45 -17.86 -18.39
N PRO D 15 -22.57 -18.02 -19.39
CA PRO D 15 -22.41 -19.21 -20.26
C PRO D 15 -21.59 -20.36 -19.67
N GLY D 16 -21.03 -20.24 -18.47
CA GLY D 16 -20.22 -21.30 -17.90
C GLY D 16 -19.50 -20.79 -16.67
N ARG D 17 -18.99 -21.73 -15.87
CA ARG D 17 -18.41 -21.36 -14.58
C ARG D 17 -17.01 -20.77 -14.70
N LEU D 18 -16.44 -20.67 -15.91
CA LEU D 18 -15.13 -20.07 -16.12
C LEU D 18 -15.33 -18.63 -16.57
N VAL D 19 -15.09 -17.69 -15.66
CA VAL D 19 -15.34 -16.28 -15.92
C VAL D 19 -14.01 -15.57 -16.11
N LYS D 20 -13.90 -14.86 -17.21
CA LYS D 20 -12.71 -14.01 -17.43
C LYS D 20 -12.77 -12.80 -16.53
N SER D 21 -11.60 -12.41 -16.01
CA SER D 21 -11.47 -11.22 -15.19
C SER D 21 -12.24 -10.08 -15.83
N GLU D 22 -12.83 -9.19 -15.01
CA GLU D 22 -13.51 -7.97 -15.55
C GLU D 22 -14.69 -8.30 -16.49
N GLU D 23 -15.23 -9.51 -16.44
CA GLU D 23 -16.40 -9.88 -17.23
C GLU D 23 -17.48 -10.43 -16.32
N THR D 24 -18.69 -10.58 -16.85
CA THR D 24 -19.82 -10.93 -16.00
C THR D 24 -20.39 -12.30 -16.36
N VAL D 25 -20.86 -13.00 -15.33
CA VAL D 25 -21.52 -14.29 -15.47
C VAL D 25 -22.81 -14.24 -14.66
N ILE D 26 -23.77 -15.04 -15.09
CA ILE D 26 -25.06 -15.14 -14.42
C ILE D 26 -25.19 -16.53 -13.87
N LEU D 27 -25.50 -16.63 -12.59
CA LEU D 27 -25.81 -17.91 -11.97
C LEU D 27 -27.34 -18.01 -11.90
N GLN D 28 -27.87 -19.10 -12.43
CA GLN D 28 -29.30 -19.31 -12.50
C GLN D 28 -29.69 -20.31 -11.43
N CYS D 29 -30.53 -19.87 -10.49
CA CYS D 29 -31.04 -20.75 -9.45
C CYS D 29 -32.53 -21.03 -9.71
N TRP D 30 -32.87 -22.29 -9.90
CA TRP D 30 -34.22 -22.64 -10.29
C TRP D 30 -34.63 -23.97 -9.68
N SER D 31 -35.93 -24.08 -9.42
CA SER D 31 -36.47 -25.23 -8.71
C SER D 31 -37.80 -25.61 -9.32
N ASP D 32 -38.25 -26.81 -8.97
CA ASP D 32 -39.62 -27.25 -9.21
C ASP D 32 -40.55 -26.76 -8.10
N VAL D 33 -40.09 -26.83 -6.84
CA VAL D 33 -40.86 -26.28 -5.74
C VAL D 33 -41.03 -24.78 -5.94
N ARG D 34 -42.19 -24.27 -5.52
CA ARG D 34 -42.43 -22.83 -5.59
C ARG D 34 -41.80 -22.14 -4.39
N PHE D 35 -40.60 -21.63 -4.58
CA PHE D 35 -39.95 -20.77 -3.60
C PHE D 35 -40.14 -19.32 -4.02
N GLU D 36 -40.52 -18.49 -3.06
CA GLU D 36 -40.70 -17.07 -3.31
C GLU D 36 -39.45 -16.24 -3.03
N HIS D 37 -38.34 -16.87 -2.61
CA HIS D 37 -37.08 -16.17 -2.50
C HIS D 37 -35.95 -17.14 -2.78
N PHE D 38 -34.80 -16.59 -3.18
CA PHE D 38 -33.63 -17.37 -3.53
C PHE D 38 -32.39 -16.78 -2.87
N LEU D 39 -31.56 -17.67 -2.35
CA LEU D 39 -30.31 -17.33 -1.68
C LEU D 39 -29.14 -17.89 -2.47
N LEU D 40 -28.15 -17.03 -2.70
CA LEU D 40 -26.91 -17.45 -3.34
C LEU D 40 -25.77 -17.15 -2.37
N HIS D 41 -25.08 -18.21 -1.92
CA HIS D 41 -23.99 -18.11 -0.95
C HIS D 41 -22.69 -18.57 -1.57
N ARG D 42 -21.65 -17.75 -1.48
CA ARG D 42 -20.32 -18.10 -1.94
C ARG D 42 -19.44 -18.45 -0.75
N GLU D 43 -18.73 -19.57 -0.83
CA GLU D 43 -17.68 -19.88 0.13
C GLU D 43 -16.33 -19.78 -0.56
N GLY D 44 -15.39 -19.09 0.06
CA GLY D 44 -14.09 -18.92 -0.56
C GLY D 44 -13.30 -17.88 0.20
N LYS D 45 -12.38 -17.24 -0.53
CA LYS D 45 -11.52 -16.24 0.09
C LYS D 45 -12.34 -15.16 0.78
N PHE D 46 -13.36 -14.65 0.09
CA PHE D 46 -14.30 -13.69 0.68
C PHE D 46 -15.70 -14.24 0.48
N LYS D 47 -16.37 -14.55 1.56
CA LYS D 47 -17.70 -15.15 1.54
C LYS D 47 -18.77 -14.09 1.41
N ASP D 48 -19.96 -14.52 0.99
CA ASP D 48 -21.09 -13.61 0.76
C ASP D 48 -22.39 -14.41 0.64
N THR D 49 -23.51 -13.70 0.82
CA THR D 49 -24.85 -14.23 0.61
C THR D 49 -25.71 -13.20 -0.10
N LEU D 50 -26.28 -13.60 -1.25
CA LEU D 50 -27.06 -12.71 -2.11
C LEU D 50 -28.52 -13.16 -2.12
N HIS D 51 -29.43 -12.17 -2.07
CA HIS D 51 -30.85 -12.36 -1.81
C HIS D 51 -31.58 -11.91 -3.10
N LEU D 52 -32.49 -12.74 -3.64
CA LEU D 52 -33.22 -12.36 -4.84
C LEU D 52 -34.65 -12.88 -4.83
N ILE D 53 -35.58 -12.07 -5.36
CA ILE D 53 -37.00 -12.30 -5.12
C ILE D 53 -37.48 -13.62 -5.73
N GLY D 54 -37.27 -13.82 -7.03
CA GLY D 54 -37.71 -15.11 -7.48
C GLY D 54 -38.88 -15.07 -8.43
N GLU D 55 -38.57 -15.36 -9.69
CA GLU D 55 -39.55 -15.32 -10.75
C GLU D 55 -40.31 -16.63 -10.80
N HIS D 56 -41.61 -16.56 -11.09
CA HIS D 56 -42.43 -17.79 -11.20
C HIS D 56 -43.07 -17.91 -12.60
N HIS D 57 -42.79 -19.01 -13.31
CA HIS D 57 -43.34 -19.23 -14.69
C HIS D 57 -43.43 -20.72 -15.00
N ASP D 58 -44.65 -21.22 -15.21
CA ASP D 58 -44.87 -22.66 -15.53
C ASP D 58 -44.34 -23.57 -14.42
N GLY D 59 -44.62 -23.25 -13.16
CA GLY D 59 -44.21 -24.15 -12.10
C GLY D 59 -42.70 -24.25 -11.85
N VAL D 60 -41.96 -23.32 -12.45
CA VAL D 60 -40.51 -23.21 -12.25
C VAL D 60 -40.26 -21.90 -11.50
N SER D 61 -39.58 -21.99 -10.37
CA SER D 61 -39.23 -20.82 -9.59
C SER D 61 -37.74 -20.57 -9.79
N LYS D 62 -37.40 -19.34 -10.14
CA LYS D 62 -36.10 -19.07 -10.73
C LYS D 62 -35.61 -17.71 -10.29
N ALA D 63 -34.29 -17.57 -10.15
CA ALA D 63 -33.68 -16.27 -9.99
C ALA D 63 -32.34 -16.26 -10.70
N ASN D 64 -32.00 -15.11 -11.27
CA ASN D 64 -30.78 -14.91 -12.06
C ASN D 64 -29.86 -13.98 -11.29
N PHE D 65 -28.98 -14.55 -10.48
CA PHE D 65 -27.94 -13.74 -9.86
C PHE D 65 -26.91 -13.35 -10.90
N SER D 66 -26.66 -12.05 -11.01
CA SER D 66 -25.68 -11.52 -11.93
C SER D 66 -24.39 -11.29 -11.13
N ILE D 67 -23.31 -11.99 -11.48
CA ILE D 67 -22.03 -11.84 -10.81
C ILE D 67 -21.18 -10.85 -11.59
N GLY D 68 -20.93 -9.68 -10.99
CA GLY D 68 -20.51 -8.46 -11.66
C GLY D 68 -19.13 -8.58 -12.26
N PRO D 69 -18.52 -7.45 -12.71
CA PRO D 69 -17.17 -7.56 -13.29
C PRO D 69 -16.33 -8.49 -12.45
N MET D 70 -15.95 -9.63 -13.02
CA MET D 70 -15.32 -10.67 -12.24
C MET D 70 -14.03 -10.16 -11.64
N MET D 71 -13.91 -10.30 -10.32
CA MET D 71 -12.71 -10.04 -9.54
C MET D 71 -12.37 -11.27 -8.72
N GLN D 72 -11.17 -11.26 -8.15
CA GLN D 72 -10.72 -12.44 -7.41
C GLN D 72 -11.60 -12.73 -6.19
N ASP D 73 -12.24 -11.72 -5.61
CA ASP D 73 -13.06 -11.97 -4.43
C ASP D 73 -14.42 -12.59 -4.78
N LEU D 74 -14.83 -12.56 -6.05
CA LEU D 74 -16.09 -13.18 -6.43
C LEU D 74 -15.93 -14.63 -6.85
N ALA D 75 -14.72 -15.17 -6.80
CA ALA D 75 -14.46 -16.54 -7.23
C ALA D 75 -14.50 -17.48 -6.03
N GLY D 76 -15.05 -18.66 -6.24
CA GLY D 76 -15.21 -19.62 -5.18
C GLY D 76 -16.38 -20.55 -5.45
N THR D 77 -16.88 -21.16 -4.37
CA THR D 77 -17.91 -22.20 -4.47
C THR D 77 -19.26 -21.63 -4.07
N TYR D 78 -20.17 -21.55 -5.05
CA TYR D 78 -21.50 -20.98 -4.88
C TYR D 78 -22.50 -22.10 -4.63
N ARG D 79 -23.47 -21.80 -3.78
CA ARG D 79 -24.58 -22.67 -3.50
C ARG D 79 -25.82 -21.79 -3.52
N CYS D 80 -26.95 -22.33 -3.97
CA CYS D 80 -28.18 -21.58 -3.88
C CYS D 80 -29.25 -22.36 -3.12
N TYR D 81 -30.17 -21.60 -2.53
CA TYR D 81 -31.23 -22.11 -1.66
C TYR D 81 -32.51 -21.38 -2.01
N GLY D 82 -33.63 -22.06 -1.80
CA GLY D 82 -34.90 -21.38 -1.95
C GLY D 82 -35.65 -21.35 -0.64
N SER D 83 -36.31 -20.24 -0.34
CA SER D 83 -37.24 -20.25 0.78
C SER D 83 -38.63 -19.84 0.31
N VAL D 84 -39.62 -20.32 1.07
CA VAL D 84 -40.99 -19.90 0.87
C VAL D 84 -41.35 -18.70 1.74
N THR D 85 -40.61 -18.45 2.82
CA THR D 85 -40.78 -17.24 3.61
C THR D 85 -39.74 -16.20 3.22
N LEU D 91 -35.55 -22.15 4.68
CA LEU D 91 -34.48 -22.45 3.74
C LEU D 91 -34.53 -23.90 3.29
N SER D 92 -34.40 -24.12 1.98
CA SER D 92 -34.33 -25.45 1.39
C SER D 92 -32.97 -26.10 1.62
N ALA D 93 -32.86 -27.27 1.04
CA ALA D 93 -31.58 -27.96 1.01
C ALA D 93 -30.68 -27.17 0.09
N PRO D 94 -29.36 -27.22 0.29
CA PRO D 94 -28.40 -26.54 -0.59
C PRO D 94 -28.39 -27.13 -1.99
N SER D 95 -28.20 -26.25 -2.98
CA SER D 95 -28.00 -26.75 -4.35
C SER D 95 -26.56 -27.27 -4.38
N ASP D 96 -26.26 -28.28 -5.19
CA ASP D 96 -24.91 -28.88 -5.15
C ASP D 96 -23.90 -27.75 -5.38
N PRO D 97 -22.63 -27.86 -4.94
CA PRO D 97 -21.67 -26.77 -5.07
C PRO D 97 -21.38 -26.45 -6.53
N LEU D 98 -21.22 -25.16 -6.82
CA LEU D 98 -20.83 -24.69 -8.15
C LEU D 98 -19.57 -23.83 -8.02
N ASP D 99 -18.43 -24.40 -8.43
CA ASP D 99 -17.16 -23.68 -8.37
C ASP D 99 -17.04 -22.74 -9.55
N ILE D 100 -16.95 -21.45 -9.24
CA ILE D 100 -16.82 -20.39 -10.24
C ILE D 100 -15.40 -19.85 -10.15
N VAL D 101 -14.66 -19.97 -11.24
CA VAL D 101 -13.26 -19.58 -11.27
C VAL D 101 -13.14 -18.25 -11.97
N ILE D 102 -12.07 -17.52 -11.65
CA ILE D 102 -11.64 -16.37 -12.44
C ILE D 102 -10.46 -16.80 -13.29
N THR D 103 -10.41 -16.33 -14.54
CA THR D 103 -9.30 -16.64 -15.42
C THR D 103 -8.74 -15.35 -16.01
N GLY D 104 -7.50 -15.43 -16.47
CA GLY D 104 -6.86 -14.30 -17.13
C GLY D 104 -5.95 -13.48 -16.25
N LEU D 105 -5.54 -13.99 -15.10
CA LEU D 105 -4.73 -13.26 -14.14
C LEU D 105 -3.25 -13.42 -14.36
N TYR D 106 -2.86 -14.46 -15.10
CA TYR D 106 -1.48 -14.84 -15.29
C TYR D 106 -1.28 -15.20 -16.75
N GLU D 107 -0.01 -15.25 -17.16
CA GLU D 107 0.35 -15.47 -18.56
C GLU D 107 -0.14 -16.84 -19.05
N LYS D 108 -0.45 -16.94 -20.36
CA LYS D 108 -1.17 -18.14 -20.79
C LYS D 108 -0.21 -19.29 -21.13
N PRO D 109 -0.59 -20.54 -20.88
CA PRO D 109 0.32 -21.65 -21.17
C PRO D 109 0.18 -22.12 -22.62
N SER D 110 1.08 -23.00 -23.02
CA SER D 110 1.08 -23.63 -24.34
C SER D 110 0.45 -25.01 -24.27
N LEU D 111 -0.47 -25.30 -25.18
CA LEU D 111 -1.15 -26.60 -25.25
C LEU D 111 -0.69 -27.34 -26.50
N SER D 112 -0.22 -28.57 -26.30
CA SER D 112 0.26 -29.44 -27.38
C SER D 112 -0.46 -30.79 -27.31
N ALA D 113 -0.31 -31.56 -28.39
CA ALA D 113 -0.85 -32.92 -28.46
C ALA D 113 0.20 -33.84 -29.03
N GLN D 114 0.62 -34.83 -28.24
CA GLN D 114 1.28 -35.92 -28.97
C GLN D 114 0.28 -37.06 -29.20
N PRO D 115 0.24 -37.69 -30.36
CA PRO D 115 1.06 -37.52 -31.51
C PRO D 115 0.88 -36.28 -32.39
N GLY D 116 -0.29 -35.73 -32.51
CA GLY D 116 -0.62 -34.61 -33.33
C GLY D 116 -2.07 -34.24 -33.19
N PRO D 117 -2.45 -33.01 -33.55
CA PRO D 117 -3.84 -32.59 -33.27
C PRO D 117 -4.88 -33.38 -34.02
N THR D 118 -4.53 -33.90 -35.20
CA THR D 118 -5.41 -34.71 -36.02
C THR D 118 -4.95 -36.16 -35.98
N VAL D 119 -5.77 -37.04 -35.41
CA VAL D 119 -5.47 -38.46 -35.33
C VAL D 119 -6.64 -39.23 -35.92
N LEU D 120 -6.45 -40.54 -36.07
CA LEU D 120 -7.54 -41.43 -36.45
C LEU D 120 -8.16 -42.04 -35.21
N ALA D 121 -9.45 -42.38 -35.32
CA ALA D 121 -10.17 -42.95 -34.19
C ALA D 121 -9.45 -44.18 -33.67
N GLY D 122 -9.19 -44.20 -32.35
CA GLY D 122 -8.51 -45.30 -31.69
C GLY D 122 -7.08 -44.98 -31.26
N GLU D 123 -6.44 -44.02 -31.94
CA GLU D 123 -5.12 -43.58 -31.50
C GLU D 123 -5.26 -42.82 -30.18
N SER D 124 -4.46 -43.20 -29.20
CA SER D 124 -4.46 -42.47 -27.94
C SER D 124 -3.83 -41.11 -28.17
N VAL D 125 -4.51 -40.06 -27.70
CA VAL D 125 -3.97 -38.71 -27.76
C VAL D 125 -3.71 -38.22 -26.35
N THR D 126 -2.60 -37.53 -26.19
CA THR D 126 -2.22 -36.94 -24.91
C THR D 126 -2.07 -35.45 -25.16
N LEU D 127 -2.45 -34.62 -24.19
CA LEU D 127 -2.25 -33.18 -24.27
C LEU D 127 -1.19 -32.77 -23.26
N SER D 128 -0.31 -31.88 -23.67
CA SER D 128 0.71 -31.34 -22.78
C SER D 128 0.49 -29.84 -22.60
N CYS D 129 0.18 -29.44 -21.38
CA CYS D 129 0.14 -28.04 -20.99
C CYS D 129 1.47 -27.69 -20.35
N SER D 130 2.08 -26.59 -20.78
CA SER D 130 3.41 -26.21 -20.32
C SER D 130 3.54 -24.69 -20.34
N SER D 131 4.52 -24.19 -19.57
CA SER D 131 4.73 -22.76 -19.39
C SER D 131 6.13 -22.57 -18.79
N ARG D 132 6.72 -21.39 -18.99
CA ARG D 132 7.90 -21.07 -18.21
C ARG D 132 7.52 -20.63 -16.79
N SER D 133 6.23 -20.28 -16.57
CA SER D 133 5.75 -19.84 -15.25
C SER D 133 5.44 -21.05 -14.37
N SER D 134 5.74 -20.92 -13.08
CA SER D 134 5.76 -22.08 -12.19
C SER D 134 4.38 -22.42 -11.65
N TYR D 135 3.39 -22.56 -12.53
CA TYR D 135 2.08 -23.06 -12.12
C TYR D 135 2.25 -24.36 -11.35
N ASP D 136 1.55 -24.49 -10.23
CA ASP D 136 1.58 -25.75 -9.49
C ASP D 136 0.69 -26.77 -10.17
N MET D 137 -0.35 -26.29 -10.85
CA MET D 137 -1.44 -27.09 -11.35
C MET D 137 -1.81 -26.61 -12.74
N TYR D 138 -2.50 -27.49 -13.47
CA TYR D 138 -2.95 -27.22 -14.83
C TYR D 138 -4.34 -27.82 -15.00
N HIS D 139 -5.19 -27.10 -15.72
CA HIS D 139 -6.59 -27.43 -15.86
C HIS D 139 -6.93 -27.62 -17.34
N LEU D 140 -7.66 -28.70 -17.66
CA LEU D 140 -8.01 -29.02 -19.05
C LEU D 140 -9.51 -28.85 -19.29
N SER D 141 -9.86 -27.92 -20.15
CA SER D 141 -11.25 -27.69 -20.51
C SER D 141 -11.50 -28.04 -21.97
N ARG D 142 -12.77 -28.00 -22.35
CA ARG D 142 -13.12 -28.41 -23.69
C ARG D 142 -14.39 -27.71 -24.16
N GLU D 145 -15.95 -26.23 -20.86
CA GLU D 145 -16.25 -27.13 -19.71
C GLU D 145 -14.93 -27.74 -19.21
N ALA D 146 -14.76 -27.81 -17.90
CA ALA D 146 -13.49 -28.30 -17.32
C ALA D 146 -13.71 -29.15 -16.08
N HIS D 147 -12.99 -30.26 -15.98
CA HIS D 147 -13.08 -31.16 -14.81
C HIS D 147 -11.78 -31.95 -14.71
N GLU D 148 -10.80 -31.65 -15.57
CA GLU D 148 -9.48 -32.31 -15.55
C GLU D 148 -8.39 -31.44 -14.91
N CYS D 149 -7.89 -31.85 -13.76
CA CYS D 149 -6.77 -31.13 -13.12
C CYS D 149 -5.60 -32.10 -12.94
N ARG D 150 -4.44 -31.70 -13.45
CA ARG D 150 -3.21 -32.51 -13.27
C ARG D 150 -2.14 -31.57 -12.73
N PHE D 151 -1.56 -31.96 -11.62
CA PHE D 151 -0.49 -31.14 -10.99
C PHE D 151 0.68 -31.04 -11.93
N SER D 152 1.47 -29.98 -11.84
CA SER D 152 2.62 -29.77 -12.76
C SER D 152 3.85 -30.58 -12.32
N ALA D 153 4.82 -30.67 -13.21
CA ALA D 153 6.12 -31.28 -12.88
C ALA D 153 7.15 -30.32 -13.45
N GLY D 154 8.18 -30.02 -12.68
CA GLY D 154 9.21 -29.06 -13.13
C GLY D 154 9.83 -28.35 -11.95
N PRO D 155 10.93 -27.60 -12.15
CA PRO D 155 11.29 -27.06 -13.48
C PRO D 155 11.96 -28.08 -14.37
N LYS D 156 11.67 -28.00 -15.67
CA LYS D 156 12.38 -28.86 -16.64
C LYS D 156 13.68 -28.12 -17.01
N VAL D 157 14.66 -28.80 -17.59
CA VAL D 157 15.95 -28.14 -17.97
C VAL D 157 15.61 -26.82 -18.67
N ASN D 158 14.56 -26.82 -19.50
CA ASN D 158 14.11 -25.60 -20.23
C ASN D 158 13.65 -24.53 -19.24
N GLY D 159 13.33 -24.91 -18.01
CA GLY D 159 12.74 -23.95 -17.05
C GLY D 159 11.23 -24.03 -17.18
N THR D 160 10.75 -25.09 -17.79
CA THR D 160 9.31 -25.24 -18.05
C THR D 160 8.63 -26.09 -17.03
N PHE D 161 7.43 -25.67 -16.67
CA PHE D 161 6.57 -26.46 -15.80
C PHE D 161 5.45 -27.01 -16.67
N GLN D 162 5.23 -28.33 -16.58
CA GLN D 162 4.41 -29.01 -17.57
C GLN D 162 3.61 -30.13 -16.91
N ALA D 163 2.42 -30.39 -17.46
CA ALA D 163 1.60 -31.52 -17.06
C ALA D 163 0.98 -32.16 -18.30
N ASP D 164 0.65 -33.44 -18.19
CA ASP D 164 0.13 -34.20 -19.31
C ASP D 164 -1.24 -34.75 -18.97
N PHE D 165 -2.18 -34.60 -19.90
CA PHE D 165 -3.57 -35.03 -19.76
C PHE D 165 -3.81 -36.17 -20.75
N PRO D 166 -3.62 -37.42 -20.33
CA PRO D 166 -3.97 -38.56 -21.20
C PRO D 166 -5.45 -38.60 -21.53
N LEU D 167 -5.76 -38.43 -22.82
CA LEU D 167 -7.15 -38.44 -23.30
C LEU D 167 -7.55 -39.78 -23.88
N HIS D 172 -15.94 -37.79 -29.80
CA HIS D 172 -14.50 -37.75 -29.96
C HIS D 172 -14.06 -36.53 -30.75
N GLY D 173 -13.27 -35.67 -30.13
CA GLY D 173 -12.86 -34.45 -30.80
C GLY D 173 -13.44 -33.23 -30.13
N GLY D 174 -12.79 -32.11 -30.38
CA GLY D 174 -13.18 -30.88 -29.73
C GLY D 174 -12.02 -29.90 -29.70
N THR D 175 -12.33 -28.72 -29.16
CA THR D 175 -11.37 -27.66 -28.97
C THR D 175 -10.98 -27.62 -27.49
N TYR D 176 -9.67 -27.67 -27.22
CA TYR D 176 -9.16 -27.78 -25.86
C TYR D 176 -8.44 -26.51 -25.46
N ARG D 177 -8.62 -26.13 -24.20
CA ARG D 177 -7.82 -25.09 -23.58
C ARG D 177 -7.22 -25.62 -22.29
N CYS D 178 -6.13 -25.01 -21.87
CA CYS D 178 -5.57 -25.38 -20.58
C CYS D 178 -5.08 -24.12 -19.88
N PHE D 179 -5.16 -24.16 -18.56
CA PHE D 179 -4.92 -23.03 -17.67
C PHE D 179 -4.00 -23.48 -16.57
N GLY D 180 -3.15 -22.56 -16.08
CA GLY D 180 -2.34 -22.82 -14.90
C GLY D 180 -2.94 -22.18 -13.67
N SER D 181 -2.62 -22.73 -12.50
CA SER D 181 -3.03 -22.10 -11.26
C SER D 181 -2.04 -22.49 -10.16
N PHE D 182 -2.19 -21.84 -9.01
CA PHE D 182 -1.33 -22.09 -7.86
C PHE D 182 -2.16 -22.69 -6.73
N ARG D 183 -1.53 -23.58 -5.95
CA ARG D 183 -2.28 -24.38 -4.98
C ARG D 183 -2.98 -23.52 -3.93
N ASP D 184 -2.41 -22.36 -3.60
CA ASP D 184 -2.99 -21.51 -2.57
C ASP D 184 -4.34 -20.92 -2.99
N SER D 185 -4.53 -20.66 -4.29
CA SER D 185 -5.78 -20.09 -4.81
C SER D 185 -6.31 -21.02 -5.90
N PRO D 186 -7.10 -22.01 -5.54
CA PRO D 186 -7.53 -23.02 -6.52
C PRO D 186 -8.53 -22.49 -7.52
N TYR D 187 -9.14 -21.33 -7.27
CA TYR D 187 -10.15 -20.74 -8.13
C TYR D 187 -9.63 -19.60 -8.99
N GLU D 188 -8.30 -19.41 -9.05
CA GLU D 188 -7.68 -18.31 -9.80
C GLU D 188 -6.75 -18.90 -10.86
N TRP D 189 -7.16 -18.84 -12.13
CA TRP D 189 -6.42 -19.50 -13.20
C TRP D 189 -5.77 -18.49 -14.14
N SER D 190 -4.86 -19.00 -14.94
CA SER D 190 -4.15 -18.18 -15.91
C SER D 190 -5.10 -17.76 -17.04
N ASN D 191 -4.59 -16.86 -17.87
CA ASN D 191 -5.19 -16.66 -19.17
C ASN D 191 -5.32 -18.02 -19.85
N SER D 192 -6.37 -18.18 -20.65
CA SER D 192 -6.53 -19.43 -21.38
C SER D 192 -5.41 -19.64 -22.37
N SER D 193 -5.02 -20.89 -22.56
CA SER D 193 -4.13 -21.22 -23.67
C SER D 193 -4.88 -21.02 -24.99
N ASP D 194 -4.11 -20.84 -26.05
CA ASP D 194 -4.71 -20.75 -27.36
C ASP D 194 -5.54 -22.02 -27.63
N PRO D 195 -6.67 -21.91 -28.32
CA PRO D 195 -7.55 -23.08 -28.50
C PRO D 195 -6.86 -24.09 -29.39
N LEU D 196 -6.82 -25.34 -28.94
CA LEU D 196 -6.25 -26.46 -29.67
C LEU D 196 -7.40 -27.37 -30.09
N LEU D 197 -7.54 -27.61 -31.38
CA LEU D 197 -8.65 -28.42 -31.87
C LEU D 197 -8.16 -29.83 -32.15
N VAL D 198 -8.72 -30.79 -31.43
CA VAL D 198 -8.41 -32.20 -31.62
C VAL D 198 -9.43 -32.73 -32.62
N SER D 199 -8.95 -33.13 -33.80
CA SER D 199 -9.79 -33.71 -34.84
C SER D 199 -9.61 -35.22 -34.82
N VAL D 200 -10.65 -35.93 -34.38
CA VAL D 200 -10.66 -37.39 -34.38
C VAL D 200 -11.36 -37.83 -35.67
N THR D 201 -10.59 -38.09 -36.70
CA THR D 201 -11.14 -38.66 -37.93
C THR D 201 -10.79 -40.14 -38.02
#